data_5WBD
#
_entry.id   5WBD
#
_cell.length_a   57.510
_cell.length_b   57.510
_cell.length_c   174.810
_cell.angle_alpha   90.00
_cell.angle_beta   90.00
_cell.angle_gamma   90.00
#
_symmetry.space_group_name_H-M   'I 41 2 2'
#
loop_
_entity.id
_entity.type
_entity.pdbx_description
1 polymer Streptavidin
2 non-polymer [N-(2-{bis[2-(pyridin-2-yl-kappaN)ethyl]amino-kappaN}ethyl)-5-(2-oxohexahydro-1H-thieno[3,4-d]imidazol-4-yl)pentanamide](hydroxy)copper
3 non-polymer 'ACETATE ION'
4 water water
#
_entity_poly.entity_id   1
_entity_poly.type   'polypeptide(L)'
_entity_poly.pdbx_seq_one_letter_code
;MASMTGGQQMGRDEAGITGTWYNQLGSTFIVTAGADGALTGTYESAVGAAESRYVLTGRYDSAPATDGSGTALGWTVAWK
NNYRNAHSATTWSGQYVGGAEARINTQWLLTSGTTEANAWKSTLVGHDTFTKVKPSAASIDAAKKAGVNNGNPLDAVQQ
;
_entity_poly.pdbx_strand_id   A
#
loop_
_chem_comp.id
_chem_comp.type
_chem_comp.name
_chem_comp.formula
ACT non-polymer 'ACETATE ION' 'C2 H3 O2 -1'
SI7 non-polymer [N-(2-{bis[2-(pyridin-2-yl-kappaN)ethyl]amino-kappaN}ethyl)-5-(2-oxohexahydro-1H-thieno[3,4-d]imidazol-4-yl)pentanamide](hydroxy)copper 'C26 H36 Cu N6 O3 S'
#
# COMPACT_ATOMS: atom_id res chain seq x y z
N MET A 10 -5.66 -9.11 19.81
CA MET A 10 -4.97 -8.30 18.76
C MET A 10 -4.31 -9.18 17.69
N GLY A 11 -4.12 -8.60 16.50
CA GLY A 11 -3.48 -9.30 15.38
C GLY A 11 -1.99 -9.45 15.67
N ARG A 12 -1.39 -10.54 15.17
CA ARG A 12 0.01 -10.87 15.51
C ARG A 12 0.98 -9.73 15.17
N ASP A 13 0.83 -9.15 13.99
CA ASP A 13 1.69 -8.05 13.53
C ASP A 13 0.97 -6.71 13.52
N GLU A 14 -0.11 -6.60 14.28
CA GLU A 14 -0.85 -5.36 14.42
C GLU A 14 0.10 -4.23 14.83
N ALA A 15 0.90 -4.50 15.87
CA ALA A 15 1.90 -3.55 16.35
C ALA A 15 3.01 -3.28 15.33
N GLY A 16 3.47 -4.34 14.67
CA GLY A 16 4.54 -4.23 13.69
C GLY A 16 4.17 -3.43 12.45
N ILE A 17 2.93 -3.58 11.99
CA ILE A 17 2.47 -2.92 10.76
C ILE A 17 2.08 -1.47 11.00
N THR A 18 1.38 -1.21 12.11
CA THR A 18 0.88 0.14 12.39
C THR A 18 2.02 1.14 12.46
N GLY A 19 1.86 2.27 11.78
CA GLY A 19 2.87 3.31 11.76
C GLY A 19 3.12 3.87 10.39
N THR A 20 4.26 4.53 10.26
CA THR A 20 4.67 5.24 9.07
C THR A 20 5.74 4.44 8.34
N TRP A 21 5.58 4.35 7.02
CA TRP A 21 6.47 3.60 6.16
C TRP A 21 6.86 4.46 4.97
N TYR A 22 8.04 4.21 4.44
CA TYR A 22 8.60 5.01 3.35
C TYR A 22 9.10 4.06 2.27
N ASN A 23 8.84 4.38 0.99
CA ASN A 23 9.34 3.55 -0.08
C ASN A 23 10.53 4.15 -0.81
N GLN A 24 11.03 3.41 -1.80
CA GLN A 24 12.24 3.79 -2.55
C GLN A 24 12.07 5.06 -3.39
N LEU A 25 10.83 5.45 -3.66
CA LEU A 25 10.53 6.69 -4.38
C LEU A 25 10.42 7.91 -3.47
N GLY A 26 10.45 7.69 -2.16
CA GLY A 26 10.23 8.76 -1.18
C GLY A 26 8.77 8.98 -0.79
N SER A 27 7.89 8.05 -1.17
CA SER A 27 6.48 8.15 -0.77
C SER A 27 6.27 7.73 0.69
N THR A 28 5.20 8.22 1.31
CA THR A 28 4.91 8.01 2.73
C THR A 28 3.57 7.31 2.88
N PHE A 29 3.59 6.18 3.59
CA PHE A 29 2.45 5.28 3.79
C PHE A 29 2.22 5.28 5.31
N ILE A 30 1.09 5.82 5.75
CA ILE A 30 0.73 5.90 7.17
C ILE A 30 -0.46 4.98 7.37
N VAL A 31 -0.32 3.95 8.21
CA VAL A 31 -1.35 2.92 8.32
C VAL A 31 -1.63 2.51 9.77
N THR A 32 -2.88 2.20 10.05
CA THR A 32 -3.28 1.57 11.30
C THR A 32 -3.83 0.19 10.98
N ALA A 33 -3.28 -0.82 11.64
CA ALA A 33 -3.74 -2.19 11.50
C ALA A 33 -4.71 -2.46 12.64
N GLY A 34 -5.91 -2.94 12.31
CA GLY A 34 -6.92 -3.32 13.32
C GLY A 34 -6.75 -4.76 13.72
N ALA A 35 -7.27 -5.12 14.89
CA ALA A 35 -7.15 -6.49 15.41
C ALA A 35 -7.82 -7.54 14.51
N ASP A 36 -8.85 -7.11 13.79
CA ASP A 36 -9.65 -7.94 12.87
C ASP A 36 -9.03 -8.21 11.50
N GLY A 37 -8.03 -7.43 11.11
CA GLY A 37 -7.44 -7.51 9.77
C GLY A 37 -7.58 -6.26 8.93
N ALA A 38 -8.16 -5.20 9.49
CA ALA A 38 -8.34 -3.96 8.75
C ALA A 38 -7.05 -3.16 8.62
N LEU A 39 -6.86 -2.51 7.48
CA LEU A 39 -5.83 -1.49 7.29
C LEU A 39 -6.53 -0.20 6.88
N THR A 40 -6.23 0.89 7.58
CA THR A 40 -6.75 2.21 7.23
C THR A 40 -5.62 3.20 7.38
N GLY A 41 -5.63 4.24 6.56
CA GLY A 41 -4.64 5.27 6.69
C GLY A 41 -4.61 6.23 5.53
N THR A 42 -3.42 6.76 5.27
CA THR A 42 -3.22 7.73 4.20
C THR A 42 -1.94 7.42 3.44
N TYR A 43 -1.94 7.81 2.16
CA TYR A 43 -0.78 7.60 1.29
C TYR A 43 -0.42 8.93 0.65
N GLU A 44 0.87 9.24 0.59
CA GLU A 44 1.37 10.43 -0.10
C GLU A 44 2.45 9.97 -1.07
N SER A 45 2.20 10.14 -2.37
CA SER A 45 3.15 9.73 -3.38
C SER A 45 4.13 10.83 -3.71
N ALA A 46 5.41 10.48 -3.79
CA ALA A 46 6.46 11.41 -4.20
C ALA A 46 6.48 11.63 -5.71
N VAL A 47 5.76 10.79 -6.46
CA VAL A 47 5.76 10.84 -7.92
C VAL A 47 4.35 10.77 -8.51
N GLY A 48 4.27 11.17 -9.77
CA GLY A 48 3.06 11.02 -10.54
C GLY A 48 2.03 12.08 -10.27
N ALA A 49 0.80 11.80 -10.68
CA ALA A 49 -0.30 12.75 -10.64
C ALA A 49 -0.96 12.72 -9.27
N ALA A 50 -0.23 13.24 -8.30
CA ALA A 50 -0.61 13.14 -6.91
C ALA A 50 -0.14 14.37 -6.16
N GLU A 51 -0.94 14.81 -5.20
CA GLU A 51 -0.57 15.88 -4.29
C GLU A 51 -1.19 15.62 -2.92
N SER A 52 -0.36 15.74 -1.89
CA SER A 52 -0.79 15.58 -0.50
C SER A 52 -1.29 14.16 -0.22
N ARG A 53 -2.17 14.02 0.77
CA ARG A 53 -2.56 12.69 1.26
C ARG A 53 -3.85 12.18 0.61
N TYR A 54 -3.88 10.86 0.39
CA TYR A 54 -5.05 10.16 -0.13
C TYR A 54 -5.46 9.08 0.84
N VAL A 55 -6.75 8.84 0.91
CA VAL A 55 -7.29 7.75 1.74
C VAL A 55 -6.80 6.41 1.23
N LEU A 56 -6.43 5.52 2.14
CA LEU A 56 -6.23 4.12 1.77
C LEU A 56 -6.98 3.22 2.70
N THR A 57 -7.33 2.08 2.16
CA THR A 57 -7.90 1.01 2.95
C THR A 57 -7.39 -0.32 2.44
N GLY A 58 -7.34 -1.31 3.32
CA GLY A 58 -6.88 -2.62 2.91
C GLY A 58 -7.10 -3.65 3.97
N ARG A 59 -6.42 -4.79 3.81
CA ARG A 59 -6.58 -5.94 4.71
C ARG A 59 -5.24 -6.62 4.90
N TYR A 60 -5.06 -7.29 6.05
CA TYR A 60 -3.88 -8.11 6.30
C TYR A 60 -4.31 -9.38 7.02
N ASP A 61 -3.45 -10.40 6.93
CA ASP A 61 -3.63 -11.64 7.65
C ASP A 61 -3.30 -11.38 9.13
N SER A 62 -4.32 -11.40 9.98
CA SER A 62 -4.14 -11.13 11.42
C SER A 62 -3.68 -12.36 12.23
N ALA A 63 -3.57 -13.52 11.58
CA ALA A 63 -3.05 -14.74 12.23
C ALA A 63 -2.09 -15.44 11.26
N PRO A 64 -0.92 -14.84 10.99
CA PRO A 64 0.02 -15.44 10.03
C PRO A 64 0.67 -16.72 10.53
N ALA A 65 1.36 -17.41 9.64
CA ALA A 65 2.11 -18.61 9.99
C ALA A 65 3.23 -18.25 10.95
N THR A 66 3.66 -19.23 11.74
CA THR A 66 4.70 -19.03 12.74
C THR A 66 6.01 -19.73 12.36
N ASP A 67 6.21 -19.92 11.05
CA ASP A 67 7.37 -20.67 10.52
C ASP A 67 8.46 -19.75 9.96
N GLY A 68 8.39 -18.45 10.26
CA GLY A 68 9.29 -17.46 9.69
C GLY A 68 8.76 -16.77 8.44
N SER A 69 7.57 -17.16 7.99
CA SER A 69 6.94 -16.53 6.83
C SER A 69 6.49 -15.11 7.14
N GLY A 70 6.44 -14.30 6.10
CA GLY A 70 5.88 -12.96 6.19
C GLY A 70 4.38 -12.97 6.35
N THR A 71 3.81 -11.78 6.48
CA THR A 71 2.40 -11.57 6.73
C THR A 71 1.77 -10.93 5.51
N ALA A 72 0.89 -11.66 4.84
CA ALA A 72 0.25 -11.17 3.61
C ALA A 72 -0.65 -9.99 3.88
N LEU A 73 -0.65 -9.01 2.96
CA LEU A 73 -1.51 -7.84 3.09
CA LEU A 73 -1.48 -7.83 3.09
C LEU A 73 -1.68 -7.16 1.74
N GLY A 74 -2.65 -6.27 1.67
CA GLY A 74 -2.81 -5.41 0.52
C GLY A 74 -3.60 -4.17 0.86
N TRP A 75 -3.49 -3.17 0.00
CA TRP A 75 -4.29 -1.96 0.16
C TRP A 75 -4.49 -1.25 -1.17
N THR A 76 -5.46 -0.34 -1.18
CA THR A 76 -5.84 0.43 -2.34
C THR A 76 -5.83 1.91 -2.02
N VAL A 77 -5.39 2.70 -3.01
CA VAL A 77 -5.59 4.13 -3.05
C VAL A 77 -6.27 4.47 -4.37
N ALA A 78 -7.41 5.15 -4.32
CA ALA A 78 -7.96 5.85 -5.49
C ALA A 78 -7.40 7.26 -5.46
N TRP A 79 -6.87 7.70 -6.59
CA TRP A 79 -6.09 8.95 -6.66
C TRP A 79 -6.95 10.20 -6.83
N LYS A 80 -7.93 10.34 -5.94
CA LYS A 80 -8.80 11.51 -5.86
C LYS A 80 -8.75 12.02 -4.42
N ASN A 81 -8.45 13.30 -4.28
CA ASN A 81 -8.60 14.00 -3.00
C ASN A 81 -9.09 15.41 -3.34
N ASN A 82 -9.07 16.33 -2.39
CA ASN A 82 -9.59 17.68 -2.66
C ASN A 82 -8.70 18.53 -3.58
N TYR A 83 -7.43 18.14 -3.72
CA TYR A 83 -6.47 18.85 -4.57
C TYR A 83 -6.42 18.34 -6.00
N ARG A 84 -6.59 17.03 -6.18
CA ARG A 84 -6.26 16.41 -7.46
C ARG A 84 -7.05 15.13 -7.69
N ASN A 85 -7.37 14.88 -8.96
CA ASN A 85 -7.97 13.62 -9.38
C ASN A 85 -7.21 13.14 -10.61
N ALA A 86 -6.59 11.97 -10.48
CA ALA A 86 -5.83 11.34 -11.56
C ALA A 86 -6.58 10.18 -12.21
N HIS A 87 -7.88 10.05 -11.92
CA HIS A 87 -8.75 9.04 -12.52
C HIS A 87 -8.07 7.68 -12.60
N SER A 88 -7.60 7.23 -11.45
CA SER A 88 -6.81 6.01 -11.38
C SER A 88 -6.79 5.48 -9.96
N ALA A 89 -6.44 4.21 -9.83
CA ALA A 89 -6.33 3.56 -8.53
C ALA A 89 -5.14 2.62 -8.56
N THR A 90 -4.38 2.60 -7.46
CA THR A 90 -3.31 1.61 -7.28
C THR A 90 -3.68 0.66 -6.18
N THR A 91 -3.39 -0.61 -6.41
CA THR A 91 -3.42 -1.62 -5.37
C THR A 91 -2.03 -2.19 -5.16
N TRP A 92 -1.62 -2.28 -3.90
CA TRP A 92 -0.37 -2.91 -3.51
C TRP A 92 -0.69 -4.23 -2.86
N SER A 93 0.01 -5.28 -3.30
CA SER A 93 -0.14 -6.63 -2.77
C SER A 93 1.23 -7.10 -2.32
N GLY A 94 1.35 -7.58 -1.09
CA GLY A 94 2.67 -7.91 -0.61
C GLY A 94 2.70 -8.63 0.70
N GLN A 95 3.84 -8.57 1.36
CA GLN A 95 3.98 -9.13 2.69
C GLN A 95 4.85 -8.27 3.59
N TYR A 96 4.46 -8.24 4.85
CA TYR A 96 5.23 -7.61 5.92
C TYR A 96 6.21 -8.63 6.48
N VAL A 97 7.47 -8.20 6.64
CA VAL A 97 8.54 -9.00 7.22
C VAL A 97 9.05 -8.21 8.43
N GLY A 98 8.91 -8.79 9.62
CA GLY A 98 9.32 -8.11 10.86
C GLY A 98 10.82 -8.19 11.09
N GLY A 99 11.26 -7.59 12.20
CA GLY A 99 12.67 -7.61 12.61
C GLY A 99 13.32 -6.23 12.61
N ALA A 100 14.62 -6.20 12.89
CA ALA A 100 15.37 -4.94 13.01
C ALA A 100 15.35 -4.13 11.71
N GLU A 101 15.37 -4.83 10.59
CA GLU A 101 15.22 -4.24 9.26
C GLU A 101 13.85 -4.61 8.71
N ALA A 102 12.78 -4.19 9.41
CA ALA A 102 11.40 -4.53 9.01
C ALA A 102 11.07 -3.93 7.66
N ARG A 103 10.31 -4.67 6.85
CA ARG A 103 9.99 -4.26 5.49
C ARG A 103 8.59 -4.68 5.12
N ILE A 104 7.97 -3.90 4.23
CA ILE A 104 6.80 -4.37 3.49
C ILE A 104 7.21 -4.41 2.02
N ASN A 105 7.27 -5.62 1.48
CA ASN A 105 7.67 -5.84 0.08
C ASN A 105 6.42 -6.03 -0.74
N THR A 106 6.24 -5.19 -1.76
CA THR A 106 5.02 -5.20 -2.54
C THR A 106 5.25 -5.22 -4.04
N GLN A 107 4.21 -5.67 -4.73
CA GLN A 107 4.02 -5.39 -6.15
C GLN A 107 2.71 -4.66 -6.28
N TRP A 108 2.59 -3.80 -7.30
CA TRP A 108 1.39 -3.00 -7.42
C TRP A 108 0.85 -2.96 -8.85
N LEU A 109 -0.44 -2.67 -8.94
CA LEU A 109 -1.15 -2.47 -10.20
C LEU A 109 -1.87 -1.14 -10.15
N LEU A 110 -1.58 -0.29 -11.13
CA LEU A 110 -2.16 1.05 -11.22
CA LEU A 110 -2.15 1.04 -11.22
C LEU A 110 -3.02 1.12 -12.48
N THR A 111 -4.34 1.10 -12.28
CA THR A 111 -5.28 1.16 -13.39
C THR A 111 -5.84 2.57 -13.54
N SER A 112 -5.81 3.07 -14.78
CA SER A 112 -6.45 4.33 -15.14
C SER A 112 -7.77 4.07 -15.82
N GLY A 113 -8.74 4.96 -15.60
CA GLY A 113 -9.96 4.94 -16.38
C GLY A 113 -9.66 5.24 -17.83
N THR A 114 -10.13 4.38 -18.73
CA THR A 114 -9.91 4.53 -20.17
C THR A 114 -11.19 4.23 -20.94
N THR A 115 -11.21 4.63 -22.19
CA THR A 115 -12.22 4.13 -23.11
C THR A 115 -11.96 2.63 -23.37
N GLU A 116 -12.96 1.93 -23.91
CA GLU A 116 -12.79 0.52 -24.25
C GLU A 116 -11.64 0.32 -25.25
N ALA A 117 -11.54 1.22 -26.24
CA ALA A 117 -10.46 1.18 -27.24
C ALA A 117 -9.06 1.26 -26.64
N ASN A 118 -8.91 1.95 -25.50
CA ASN A 118 -7.62 2.12 -24.83
C ASN A 118 -7.43 1.24 -23.59
N ALA A 119 -8.36 0.33 -23.32
CA ALA A 119 -8.28 -0.50 -22.13
C ALA A 119 -7.04 -1.38 -22.10
N TRP A 120 -6.54 -1.79 -23.26
CA TRP A 120 -5.32 -2.61 -23.32
C TRP A 120 -4.11 -1.94 -22.68
N LYS A 121 -4.09 -0.60 -22.67
CA LYS A 121 -2.99 0.18 -22.10
C LYS A 121 -3.39 0.91 -20.80
N SER A 122 -4.36 0.34 -20.07
CA SER A 122 -4.90 0.97 -18.86
C SER A 122 -4.09 0.73 -17.59
N THR A 123 -3.24 -0.29 -17.55
CA THR A 123 -2.71 -0.78 -16.27
C THR A 123 -1.19 -0.84 -16.24
N LEU A 124 -0.61 -0.08 -15.32
CA LEU A 124 0.83 -0.11 -15.03
C LEU A 124 1.10 -1.12 -13.92
N VAL A 125 2.28 -1.72 -13.95
CA VAL A 125 2.71 -2.64 -12.91
C VAL A 125 4.09 -2.23 -12.42
N GLY A 126 4.31 -2.40 -11.12
CA GLY A 126 5.61 -2.11 -10.54
C GLY A 126 5.76 -2.74 -9.18
N HIS A 127 6.80 -2.32 -8.46
CA HIS A 127 7.14 -2.90 -7.18
C HIS A 127 7.71 -1.84 -6.26
N ASP A 128 7.22 -1.82 -5.02
CA ASP A 128 7.67 -0.88 -3.99
C ASP A 128 8.13 -1.67 -2.76
N THR A 129 9.22 -1.22 -2.17
CA THR A 129 9.68 -1.77 -0.91
C THR A 129 9.61 -0.65 0.12
N PHE A 130 8.88 -0.92 1.21
CA PHE A 130 8.67 0.05 2.28
C PHE A 130 9.50 -0.33 3.49
N THR A 131 10.09 0.68 4.12
CA THR A 131 10.87 0.50 5.35
C THR A 131 10.43 1.55 6.36
N LYS A 132 10.83 1.35 7.60
CA LYS A 132 10.49 2.28 8.67
C LYS A 132 11.35 3.54 8.72
N VAL A 133 12.50 3.55 8.03
CA VAL A 133 13.38 4.74 8.00
C VAL A 133 13.55 5.29 6.58
N LYS A 134 14.12 6.50 6.50
CA LYS A 134 14.30 7.26 5.24
C LYS A 134 12.96 7.67 4.67
CU1 SI7 B . -1.49 9.82 -16.63
N6 SI7 B . -2.71 8.70 -17.73
C23 SI7 B . -3.92 9.18 -18.29
C24 SI7 B . -4.73 8.33 -19.05
C25 SI7 B . -4.37 7.00 -19.27
C26 SI7 B . -3.19 6.50 -18.73
C22 SI7 B . -2.37 7.34 -17.97
C21 SI7 B . -1.08 6.87 -17.35
C20 SI7 B . -1.13 7.07 -15.85
N4 SI7 B . -0.84 8.40 -15.38
N5 SI7 B . -0.39 11.21 -15.76
C16 SI7 B . -0.89 12.54 -15.83
C17 SI7 B . -0.21 13.62 -15.26
C18 SI7 B . 1.00 13.40 -14.60
C19 SI7 B . 1.52 12.10 -14.52
C15 SI7 B . 0.84 11.02 -15.08
C14 SI7 B . 1.43 9.63 -14.97
C13 SI7 B . 0.56 8.39 -15.03
C12 SI7 B . -1.62 8.62 -14.18
C11 SI7 B . -1.56 7.54 -13.11
N3 SI7 B . -1.80 7.89 -11.75
C10 SI7 B . -1.05 8.65 -10.95
O2 SI7 B . 0.14 9.17 -11.43
C9 SI7 B . -1.35 8.80 -9.48
C8 SI7 B . -0.13 8.60 -8.60
C7 SI7 B . 0.47 7.20 -8.70
C6 SI7 B . 1.76 6.97 -7.95
C5 SI7 B . 2.27 5.55 -8.04
C4 SI7 B . 3.73 5.40 -7.59
N2 SI7 B . 4.05 6.02 -6.35
S1 SI7 B . 1.39 4.34 -7.09
C3 SI7 B . 2.66 3.19 -7.53
C2 SI7 B . 3.96 3.92 -7.24
N1 SI7 B . 4.40 3.94 -5.90
C1 SI7 B . 4.41 5.18 -5.29
O1 SI7 B . 4.66 5.56 -4.03
O3 SI7 B . -3.56 10.80 -15.66
C ACT C . 6.26 22.71 -8.49
O ACT C . 6.24 23.93 -8.17
OXT ACT C . 5.21 22.06 -8.68
CH3 ACT C . 7.57 22.02 -8.65
#